data_7TPJ
#
_entry.id   7TPJ
#
_cell.length_a   1.00
_cell.length_b   1.00
_cell.length_c   1.00
_cell.angle_alpha   90.00
_cell.angle_beta   90.00
_cell.angle_gamma   90.00
#
_symmetry.space_group_name_H-M   'P 1'
#
loop_
_entity.id
_entity.type
_entity.pdbx_description
1 polymer 'Putative cell surface polysaccharide polymerase/ligase'
2 polymer 'Fab Heavy (H) Chain'
3 polymer 'Fab Light (L) Chain'
#
loop_
_entity_poly.entity_id
_entity_poly.type
_entity_poly.pdbx_seq_one_letter_code
_entity_poly.pdbx_strand_id
1 'polypeptide(L)'
;MTDSNKLLSRMATVLVFAFPVLILCVPRGAGVFLAGVGVLALLGWRGMGRAWREYSKVMTPLAIAVLAFMLVYVGSKLYF
HTPWNVIDNPSRTLLAILTCWVIVRAAPNPAWLWRGITVGLFLALLIVGYQKFALNIDRPSAWIQAIAFANMIAALALVG
FARPGDSRGTHMEAWVNLLLGTMILMLNGTRGAVVAMLVTSVPMLMIRYRRFSVRMLIVAVCAVATLAIGAYMVPDSPVS
KRVDDAVSEIQMYRQGNIETSVGVRLKIWHIGLQYFSEHPWTGVGVGQFARILHASEFCHETKSLACVLEHAHNDIVEAA
STTGIPGLMVMLGLFLVPAVLFARALRAARSLGNPQGVSLGGAGLGVVMASLISGLTQVTMAHQANVVFYAGLIGLLLGM
AGREAHSARTDAV
;
B
2 'polypeptide(L)'
;EISEVQLVESGGGLVQPGGSLRLSCAASGFNVYSSSIHWVRQAPGKGLEWVAYISSYYGSTYYADSVKGRFTISADTSKN
TAYLQMNSLRAEDTAVYYCARIMFKWVSPNMAFDYWGQGTLVTVSSASTKGPSVFPLAPSSKSTSGGTAALGCLVKDYFP
EPVTVSWNSGALTSGVHTFPAVLQSSGLYSLSSVVTVPSSSLGTQTYICNVNHKPSNTKVDKKVEPKSCDKTHTC
;
H
3 'polypeptide(L)'
;SDIQMTQSPSSLSASVGDRVTITCRASQSVSSAVAWYQQKPGKAPKLLIYSASSLYSGVPSRFSGSRSGTDFTLTISSLQ
PEDFATYYCQQSYYSLVTFGQGTKVEIKRTVAAPSVFIFPPSDSQLKSGTASVVCLLNNFYPREAKVQWKVDNALQSGNS
QESVTEQDSKDSTYSLSSTLTLSKADYEKHKVYACEVTHQGLSSPVTKSFNRGEC
;
L
#
# COMPACT_ATOMS: atom_id res chain seq x y z
N ASN A 5 27.65 -31.21 8.76
CA ASN A 5 26.46 -31.78 9.40
C ASN A 5 25.82 -30.79 10.36
N LYS A 6 26.56 -30.48 11.43
CA LYS A 6 26.08 -29.58 12.48
C LYS A 6 26.21 -28.11 12.08
N LEU A 7 27.27 -27.76 11.34
CA LEU A 7 27.49 -26.37 10.98
C LEU A 7 26.36 -25.83 10.12
N LEU A 8 25.85 -26.65 9.20
CA LEU A 8 24.70 -26.20 8.44
C LEU A 8 23.52 -25.91 9.36
N SER A 9 23.32 -26.74 10.38
CA SER A 9 22.25 -26.49 11.33
C SER A 9 22.43 -25.15 12.06
N ARG A 10 23.66 -24.89 12.54
CA ARG A 10 23.90 -23.66 13.30
C ARG A 10 23.76 -22.42 12.44
N MET A 11 24.31 -22.45 11.22
CA MET A 11 24.21 -21.28 10.35
C MET A 11 22.79 -21.08 9.83
N ALA A 12 22.04 -22.16 9.58
CA ALA A 12 20.64 -22.00 9.22
C ALA A 12 19.85 -21.43 10.40
N THR A 13 20.20 -21.84 11.62
CA THR A 13 19.54 -21.30 12.80
C THR A 13 19.77 -19.80 12.92
N VAL A 14 21.01 -19.36 12.78
CA VAL A 14 21.26 -17.92 12.89
C VAL A 14 20.63 -17.18 11.72
N LEU A 15 20.57 -17.79 10.53
CA LEU A 15 19.94 -17.13 9.40
C LEU A 15 18.45 -16.94 9.62
N VAL A 16 17.76 -17.96 10.15
CA VAL A 16 16.33 -17.81 10.42
C VAL A 16 16.12 -16.85 11.57
N PHE A 17 17.11 -16.74 12.47
CA PHE A 17 17.05 -15.74 13.53
C PHE A 17 17.08 -14.33 12.94
N ALA A 18 17.97 -14.11 11.99
CA ALA A 18 18.20 -12.76 11.47
C ALA A 18 17.35 -12.41 10.25
N PHE A 19 16.54 -13.35 9.75
CA PHE A 19 15.72 -13.06 8.58
C PHE A 19 14.75 -11.90 8.79
N PRO A 20 13.95 -11.84 9.87
CA PRO A 20 13.05 -10.69 10.03
C PRO A 20 13.80 -9.37 10.15
N VAL A 21 14.92 -9.34 10.86
CA VAL A 21 15.69 -8.11 10.99
C VAL A 21 16.24 -7.69 9.63
N LEU A 22 16.73 -8.65 8.85
CA LEU A 22 17.26 -8.31 7.53
C LEU A 22 16.18 -7.77 6.63
N ILE A 23 15.00 -8.41 6.61
CA ILE A 23 13.96 -8.00 5.68
C ILE A 23 13.37 -6.66 6.08
N LEU A 24 13.08 -6.47 7.37
CA LEU A 24 12.35 -5.29 7.82
C LEU A 24 13.24 -4.07 8.01
N CYS A 25 14.40 -4.24 8.65
CA CYS A 25 15.22 -3.10 9.04
C CYS A 25 16.36 -2.83 8.07
N VAL A 26 17.11 -3.87 7.70
CA VAL A 26 18.22 -3.68 6.77
C VAL A 26 17.67 -3.23 5.41
N PRO A 27 18.23 -2.17 4.80
CA PRO A 27 17.65 -1.64 3.56
C PRO A 27 17.57 -2.65 2.43
N ARG A 28 18.72 -3.16 1.99
CA ARG A 28 18.75 -4.18 0.95
C ARG A 28 18.85 -5.56 1.59
N GLY A 29 17.87 -5.86 2.44
CA GLY A 29 17.87 -7.12 3.15
C GLY A 29 17.45 -8.31 2.32
N ALA A 30 16.65 -8.09 1.29
CA ALA A 30 16.21 -9.19 0.44
C ALA A 30 17.40 -9.83 -0.27
N GLY A 31 18.29 -9.01 -0.81
CA GLY A 31 19.47 -9.55 -1.47
C GLY A 31 20.41 -10.23 -0.49
N VAL A 32 20.58 -9.66 0.70
CA VAL A 32 21.45 -10.27 1.70
C VAL A 32 20.92 -11.63 2.11
N PHE A 33 19.60 -11.72 2.35
CA PHE A 33 19.01 -13.00 2.72
C PHE A 33 19.04 -14.02 1.58
N LEU A 34 18.83 -13.58 0.35
CA LEU A 34 18.95 -14.49 -0.79
C LEU A 34 20.39 -14.94 -1.02
N ALA A 35 21.37 -14.16 -0.57
CA ALA A 35 22.76 -14.62 -0.56
C ALA A 35 23.00 -15.59 0.58
N GLY A 36 22.36 -15.35 1.73
CA GLY A 36 22.49 -16.27 2.85
C GLY A 36 21.89 -17.63 2.54
N VAL A 37 20.79 -17.65 1.79
CA VAL A 37 20.24 -18.90 1.30
C VAL A 37 21.17 -19.62 0.35
N GLY A 38 21.81 -18.89 -0.56
CA GLY A 38 22.72 -19.50 -1.52
C GLY A 38 23.98 -20.04 -0.90
N VAL A 39 24.56 -19.32 0.07
CA VAL A 39 25.77 -19.78 0.73
C VAL A 39 25.52 -21.00 1.61
N LEU A 40 24.27 -21.42 1.76
CA LEU A 40 23.92 -22.67 2.42
C LEU A 40 23.73 -23.81 1.43
N ALA A 41 22.95 -23.57 0.37
CA ALA A 41 22.73 -24.60 -0.63
C ALA A 41 24.03 -24.98 -1.34
N LEU A 42 24.91 -23.99 -1.56
CA LEU A 42 26.18 -24.29 -2.21
C LEU A 42 27.07 -25.16 -1.35
N LEU A 43 26.76 -25.32 -0.07
CA LEU A 43 27.59 -26.12 0.83
C LEU A 43 27.23 -27.60 0.83
N GLY A 44 25.96 -27.94 0.64
CA GLY A 44 25.55 -29.34 0.57
C GLY A 44 25.30 -29.79 -0.85
N TRP A 45 26.29 -30.48 -1.42
CA TRP A 45 26.22 -30.87 -2.82
C TRP A 45 25.59 -32.24 -3.04
N ARG A 46 25.98 -33.24 -2.24
CA ARG A 46 25.33 -34.54 -2.33
C ARG A 46 24.05 -34.61 -1.51
N GLY A 47 23.83 -33.67 -0.59
CA GLY A 47 22.52 -33.48 -0.01
C GLY A 47 21.56 -32.90 -1.02
N MET A 48 20.31 -32.79 -0.61
CA MET A 48 19.23 -32.25 -1.44
C MET A 48 18.96 -33.13 -2.66
N GLY A 49 19.80 -34.15 -2.89
CA GLY A 49 19.41 -35.23 -3.77
C GLY A 49 18.77 -36.37 -3.01
N ARG A 50 18.97 -36.40 -1.70
CA ARG A 50 18.34 -37.35 -0.80
C ARG A 50 17.52 -36.60 0.25
N ALA A 51 17.25 -35.32 0.00
CA ALA A 51 16.32 -34.56 0.82
C ALA A 51 14.98 -34.33 0.15
N TRP A 52 14.94 -34.23 -1.18
CA TRP A 52 13.68 -34.22 -1.90
C TRP A 52 12.95 -35.55 -1.73
N ARG A 53 13.71 -36.65 -1.66
CA ARG A 53 13.13 -37.97 -1.55
C ARG A 53 12.52 -38.15 -0.16
N GLU A 54 13.12 -37.53 0.85
CA GLU A 54 12.61 -37.67 2.21
C GLU A 54 11.32 -36.91 2.48
N TYR A 55 11.15 -35.71 1.93
CA TYR A 55 9.96 -34.92 2.21
C TYR A 55 9.19 -34.62 0.93
N SER A 56 9.04 -35.62 0.07
CA SER A 56 8.29 -35.47 -1.16
C SER A 56 6.78 -35.36 -0.93
N LYS A 57 6.31 -35.61 0.28
CA LYS A 57 4.91 -35.38 0.63
C LYS A 57 4.61 -33.92 0.94
N VAL A 58 5.64 -33.10 1.19
CA VAL A 58 5.48 -31.69 1.42
C VAL A 58 6.16 -30.86 0.35
N MET A 59 7.34 -31.30 -0.11
CA MET A 59 8.07 -30.56 -1.12
C MET A 59 7.32 -30.52 -2.45
N THR A 60 6.74 -31.65 -2.85
CA THR A 60 6.06 -31.69 -4.14
C THR A 60 4.86 -30.75 -4.24
N PRO A 61 3.99 -30.61 -3.23
CA PRO A 61 2.99 -29.54 -3.35
C PRO A 61 3.52 -28.20 -2.89
N LEU A 62 4.78 -27.92 -3.22
CA LEU A 62 5.34 -26.58 -3.11
C LEU A 62 6.18 -26.34 -4.36
N ALA A 63 6.48 -27.42 -5.07
CA ALA A 63 7.18 -27.34 -6.34
C ALA A 63 6.25 -27.44 -7.54
N ILE A 64 5.34 -28.42 -7.55
CA ILE A 64 4.42 -28.56 -8.67
C ILE A 64 3.48 -27.35 -8.75
N ALA A 65 2.99 -26.89 -7.60
CA ALA A 65 2.06 -25.76 -7.58
C ALA A 65 2.70 -24.46 -8.05
N VAL A 66 4.02 -24.33 -7.93
CA VAL A 66 4.72 -23.15 -8.43
C VAL A 66 5.14 -23.32 -9.88
N LEU A 67 5.55 -24.53 -10.26
CA LEU A 67 5.90 -24.79 -11.65
C LEU A 67 4.69 -24.62 -12.56
N ALA A 68 3.53 -25.11 -12.13
CA ALA A 68 2.31 -24.93 -12.92
C ALA A 68 1.93 -23.46 -12.99
N PHE A 69 2.08 -22.73 -11.89
CA PHE A 69 1.81 -21.29 -11.90
C PHE A 69 2.69 -20.58 -12.92
N MET A 70 3.99 -20.87 -12.88
CA MET A 70 4.91 -20.23 -13.83
C MET A 70 4.58 -20.62 -15.26
N LEU A 71 4.28 -21.90 -15.50
CA LEU A 71 4.01 -22.35 -16.87
C LEU A 71 2.77 -21.70 -17.43
N VAL A 72 1.67 -21.68 -16.66
CA VAL A 72 0.45 -21.02 -17.09
C VAL A 72 0.61 -19.52 -17.21
N TYR A 73 1.45 -18.90 -16.37
CA TYR A 73 1.65 -17.46 -16.38
C TYR A 73 2.59 -17.00 -17.48
N VAL A 74 3.40 -17.90 -18.05
CA VAL A 74 4.25 -17.56 -19.19
C VAL A 74 3.65 -18.06 -20.49
N GLY A 75 2.72 -19.02 -20.43
CA GLY A 75 2.03 -19.49 -21.60
C GLY A 75 1.02 -18.52 -22.15
N SER A 76 0.79 -17.40 -21.47
CA SER A 76 0.02 -16.29 -22.02
C SER A 76 0.82 -15.51 -23.05
N LYS A 77 2.14 -15.44 -22.89
CA LYS A 77 2.93 -14.60 -23.77
C LYS A 77 2.96 -15.11 -25.21
N LEU A 78 2.89 -16.43 -25.42
CA LEU A 78 3.05 -16.95 -26.78
C LEU A 78 2.10 -16.28 -27.76
N TYR A 79 0.91 -15.89 -27.31
CA TYR A 79 -0.02 -15.15 -28.15
C TYR A 79 -0.07 -13.69 -27.71
N PHE A 80 -0.35 -13.46 -26.43
CA PHE A 80 -0.40 -12.10 -25.91
C PHE A 80 1.01 -11.58 -25.76
N HIS A 81 1.49 -10.87 -26.77
CA HIS A 81 2.92 -10.68 -26.99
C HIS A 81 3.56 -9.65 -26.06
N THR A 82 2.89 -9.36 -24.94
CA THR A 82 3.38 -8.44 -23.91
C THR A 82 4.85 -8.73 -23.59
N PRO A 83 5.66 -7.71 -23.29
CA PRO A 83 7.08 -7.94 -23.06
C PRO A 83 7.32 -8.76 -21.80
N TRP A 84 8.54 -9.27 -21.68
CA TRP A 84 8.88 -10.15 -20.58
C TRP A 84 8.84 -9.46 -19.22
N ASN A 85 8.77 -8.12 -19.20
CA ASN A 85 8.82 -7.40 -17.93
C ASN A 85 7.67 -7.79 -17.01
N VAL A 86 6.60 -8.34 -17.57
CA VAL A 86 5.47 -8.78 -16.74
C VAL A 86 5.87 -9.96 -15.87
N ILE A 87 6.61 -10.92 -16.44
CA ILE A 87 6.89 -12.17 -15.74
C ILE A 87 8.16 -12.06 -14.90
N ASP A 88 8.70 -10.85 -14.75
CA ASP A 88 9.82 -10.63 -13.86
C ASP A 88 9.41 -10.63 -12.38
N ASN A 89 8.16 -10.30 -12.08
CA ASN A 89 7.69 -10.43 -10.69
C ASN A 89 7.36 -11.87 -10.33
N PRO A 90 6.67 -12.66 -11.15
CA PRO A 90 6.52 -14.09 -10.82
C PRO A 90 7.81 -14.88 -10.90
N SER A 91 8.88 -14.31 -11.44
CA SER A 91 10.17 -14.96 -11.31
C SER A 91 10.63 -15.01 -9.85
N ARG A 92 10.01 -14.22 -8.98
CA ARG A 92 10.36 -14.20 -7.56
C ARG A 92 9.54 -15.17 -6.72
N THR A 93 8.52 -15.81 -7.27
CA THR A 93 7.80 -16.81 -6.51
C THR A 93 8.47 -18.18 -6.57
N LEU A 94 9.44 -18.37 -7.46
CA LEU A 94 10.22 -19.60 -7.46
C LEU A 94 11.18 -19.66 -6.29
N LEU A 95 11.46 -18.53 -5.64
CA LEU A 95 12.36 -18.51 -4.50
C LEU A 95 11.79 -19.27 -3.31
N ALA A 96 10.48 -19.47 -3.25
CA ALA A 96 9.89 -20.28 -2.20
C ALA A 96 10.40 -21.72 -2.27
N ILE A 97 10.52 -22.26 -3.48
CA ILE A 97 11.04 -23.61 -3.65
C ILE A 97 12.45 -23.70 -3.06
N LEU A 98 13.31 -22.74 -3.40
CA LEU A 98 14.69 -22.78 -2.93
C LEU A 98 14.77 -22.60 -1.42
N THR A 99 14.01 -21.66 -0.87
CA THR A 99 14.08 -21.40 0.56
C THR A 99 13.39 -22.48 1.39
N CYS A 100 12.55 -23.32 0.79
CA CYS A 100 12.06 -24.48 1.52
C CYS A 100 13.03 -25.65 1.38
N TRP A 101 13.64 -25.81 0.21
CA TRP A 101 14.53 -26.94 -0.04
C TRP A 101 15.80 -26.82 0.78
N VAL A 102 16.34 -25.60 0.91
CA VAL A 102 17.52 -25.39 1.73
C VAL A 102 17.23 -25.71 3.20
N ILE A 103 16.09 -25.26 3.71
CA ILE A 103 15.70 -25.56 5.09
C ILE A 103 15.51 -27.06 5.29
N VAL A 104 14.86 -27.71 4.32
CA VAL A 104 14.67 -29.16 4.44
C VAL A 104 16.01 -29.87 4.56
N ARG A 105 17.00 -29.48 3.75
CA ARG A 105 18.31 -30.09 3.92
C ARG A 105 18.95 -29.70 5.24
N ALA A 106 18.99 -28.41 5.56
CA ALA A 106 19.70 -27.92 6.73
C ALA A 106 18.68 -27.68 7.84
N ALA A 107 18.59 -28.62 8.77
CA ALA A 107 17.56 -28.56 9.81
C ALA A 107 17.85 -27.40 10.75
N PRO A 108 16.94 -26.45 10.89
CA PRO A 108 17.20 -25.31 11.80
C PRO A 108 16.73 -25.60 13.22
N ASN A 109 16.84 -24.58 14.07
CA ASN A 109 16.29 -24.63 15.43
C ASN A 109 15.27 -23.51 15.54
N PRO A 110 14.00 -23.77 15.23
CA PRO A 110 13.00 -22.70 15.20
C PRO A 110 12.68 -22.10 16.56
N ALA A 111 13.43 -22.45 17.61
CA ALA A 111 13.31 -21.72 18.86
C ALA A 111 13.77 -20.28 18.72
N TRP A 112 14.76 -20.02 17.86
CA TRP A 112 15.26 -18.67 17.66
C TRP A 112 14.40 -17.85 16.71
N LEU A 113 13.50 -18.48 15.95
CA LEU A 113 12.70 -17.74 15.00
C LEU A 113 11.80 -16.73 15.70
N TRP A 114 11.21 -17.13 16.83
CA TRP A 114 10.32 -16.22 17.57
C TRP A 114 11.09 -15.06 18.19
N ARG A 115 12.28 -15.34 18.71
CA ARG A 115 13.11 -14.27 19.24
C ARG A 115 13.49 -13.29 18.14
N GLY A 116 13.79 -13.81 16.95
CA GLY A 116 14.01 -12.94 15.80
C GLY A 116 12.79 -12.13 15.46
N ILE A 117 11.60 -12.73 15.57
CA ILE A 117 10.37 -12.01 15.28
C ILE A 117 10.24 -10.81 16.20
N THR A 118 10.40 -11.03 17.50
CA THR A 118 10.18 -9.93 18.45
C THR A 118 11.28 -8.89 18.34
N VAL A 119 12.53 -9.31 18.10
CA VAL A 119 13.60 -8.34 17.92
C VAL A 119 13.35 -7.48 16.69
N GLY A 120 12.94 -8.10 15.58
CA GLY A 120 12.65 -7.35 14.38
C GLY A 120 11.49 -6.39 14.57
N LEU A 121 10.44 -6.83 15.27
CA LEU A 121 9.30 -5.94 15.50
C LEU A 121 9.70 -4.74 16.33
N PHE A 122 10.47 -4.95 17.41
CA PHE A 122 10.86 -3.81 18.23
C PHE A 122 11.79 -2.86 17.50
N LEU A 123 12.77 -3.39 16.77
CA LEU A 123 13.66 -2.51 16.02
C LEU A 123 12.92 -1.74 14.93
N ALA A 124 11.97 -2.40 14.24
CA ALA A 124 11.17 -1.70 13.25
C ALA A 124 10.31 -0.62 13.89
N LEU A 125 9.79 -0.88 15.09
CA LEU A 125 9.05 0.17 15.79
C LEU A 125 9.94 1.37 16.08
N LEU A 126 11.17 1.13 16.52
CA LEU A 126 12.09 2.23 16.76
C LEU A 126 12.39 3.01 15.48
N ILE A 127 12.62 2.29 14.39
CA ILE A 127 12.94 2.96 13.12
C ILE A 127 11.77 3.82 12.66
N VAL A 128 10.56 3.27 12.71
CA VAL A 128 9.39 4.01 12.25
C VAL A 128 9.12 5.21 13.16
N GLY A 129 9.33 5.04 14.47
CA GLY A 129 9.18 6.17 15.36
C GLY A 129 10.14 7.30 15.03
N TYR A 130 11.39 6.96 14.73
CA TYR A 130 12.33 7.98 14.30
C TYR A 130 11.89 8.65 13.00
N GLN A 131 11.42 7.85 12.04
CA GLN A 131 11.08 8.38 10.73
C GLN A 131 9.76 9.12 10.70
N LYS A 132 8.95 9.02 11.75
CA LYS A 132 7.70 9.77 11.82
C LYS A 132 7.79 10.98 12.74
N PHE A 133 8.51 10.87 13.85
CA PHE A 133 8.51 11.95 14.82
C PHE A 133 9.58 13.01 14.56
N ALA A 134 10.70 12.64 13.93
CA ALA A 134 11.80 13.58 13.74
C ALA A 134 12.00 13.93 12.28
N LEU A 135 12.23 12.95 11.42
CA LEU A 135 12.36 13.17 9.98
C LEU A 135 10.95 13.13 9.39
N ASN A 136 10.22 14.23 9.56
CA ASN A 136 8.78 14.23 9.31
C ASN A 136 8.44 13.58 7.99
N ILE A 137 7.73 12.46 8.05
CA ILE A 137 7.37 11.67 6.88
C ILE A 137 5.90 11.29 6.99
N ASP A 138 5.15 11.49 5.91
CA ASP A 138 3.73 11.18 5.92
C ASP A 138 3.48 9.68 6.01
N ARG A 139 4.30 8.88 5.33
CA ARG A 139 4.11 7.43 5.24
C ARG A 139 5.40 6.76 5.70
N PRO A 140 5.62 6.66 7.00
CA PRO A 140 6.94 6.21 7.51
C PRO A 140 7.19 4.71 7.36
N SER A 141 7.58 4.33 6.15
CA SER A 141 8.09 2.99 5.89
C SER A 141 9.62 3.02 5.92
N ALA A 142 10.21 1.92 6.36
CA ALA A 142 11.65 1.90 6.59
C ALA A 142 12.42 2.17 5.30
N TRP A 143 12.40 1.21 4.36
CA TRP A 143 13.07 1.44 3.09
C TRP A 143 12.31 0.87 1.89
N ILE A 144 11.02 0.58 2.03
CA ILE A 144 10.21 0.02 0.96
C ILE A 144 8.88 0.78 0.93
N GLN A 145 7.99 0.34 0.05
CA GLN A 145 6.69 0.99 -0.11
C GLN A 145 5.86 0.84 1.16
N ALA A 146 4.98 1.81 1.39
CA ALA A 146 4.19 1.83 2.62
C ALA A 146 3.25 0.63 2.70
N ILE A 147 2.57 0.30 1.60
CA ILE A 147 1.62 -0.81 1.64
C ILE A 147 2.36 -2.14 1.78
N ALA A 148 3.46 -2.31 1.03
CA ALA A 148 4.24 -3.53 1.15
C ALA A 148 4.82 -3.66 2.56
N PHE A 149 5.30 -2.56 3.13
CA PHE A 149 5.82 -2.61 4.49
C PHE A 149 4.72 -2.96 5.49
N ALA A 150 3.51 -2.43 5.27
CA ALA A 150 2.39 -2.78 6.15
C ALA A 150 2.09 -4.26 6.07
N ASN A 151 2.09 -4.83 4.87
CA ASN A 151 1.88 -6.27 4.73
C ASN A 151 2.98 -7.06 5.43
N MET A 152 4.24 -6.63 5.28
CA MET A 152 5.35 -7.27 5.96
C MET A 152 5.13 -7.27 7.47
N ILE A 153 4.78 -6.11 8.02
CA ILE A 153 4.61 -5.98 9.47
C ILE A 153 3.47 -6.86 9.95
N ALA A 154 2.36 -6.89 9.21
CA ALA A 154 1.24 -7.74 9.62
C ALA A 154 1.64 -9.21 9.61
N ALA A 155 2.35 -9.65 8.58
CA ALA A 155 2.75 -11.05 8.51
C ALA A 155 3.72 -11.41 9.63
N LEU A 156 4.69 -10.54 9.91
CA LEU A 156 5.63 -10.80 10.99
C LEU A 156 4.92 -10.86 12.34
N ALA A 157 4.00 -9.93 12.59
CA ALA A 157 3.27 -9.93 13.85
C ALA A 157 2.43 -11.19 14.00
N LEU A 158 1.77 -11.62 12.92
CA LEU A 158 0.95 -12.81 13.01
C LEU A 158 1.78 -14.07 13.19
N VAL A 159 2.96 -14.13 12.57
CA VAL A 159 3.86 -15.25 12.84
C VAL A 159 4.27 -15.26 14.30
N GLY A 160 4.62 -14.09 14.83
CA GLY A 160 5.05 -14.00 16.21
C GLY A 160 3.96 -14.21 17.22
N PHE A 161 2.70 -14.11 16.80
CA PHE A 161 1.61 -14.38 17.73
C PHE A 161 1.60 -15.83 18.17
N ALA A 162 2.15 -16.72 17.36
CA ALA A 162 2.15 -18.16 17.66
C ALA A 162 3.41 -18.55 18.42
N ARG A 163 3.61 -17.89 19.55
CA ARG A 163 4.69 -18.26 20.46
C ARG A 163 4.38 -19.61 21.08
N PRO A 164 5.29 -20.58 21.02
CA PRO A 164 5.04 -21.89 21.65
C PRO A 164 5.27 -21.82 23.15
N GLY A 165 4.21 -22.08 23.90
CA GLY A 165 4.30 -22.13 25.35
C GLY A 165 3.00 -21.73 26.00
N ASP A 166 2.91 -22.02 27.30
CA ASP A 166 1.77 -21.63 28.12
C ASP A 166 2.32 -21.20 29.48
N SER A 167 2.65 -19.91 29.58
CA SER A 167 3.27 -19.37 30.78
C SER A 167 3.07 -17.86 30.79
N ARG A 168 3.34 -17.25 31.95
CA ARG A 168 3.21 -15.81 32.07
C ARG A 168 4.05 -15.10 31.03
N GLY A 169 5.34 -15.44 30.96
CA GLY A 169 6.23 -14.74 30.06
C GLY A 169 5.89 -14.96 28.60
N THR A 170 5.52 -16.20 28.24
CA THR A 170 5.17 -16.47 26.85
C THR A 170 3.93 -15.72 26.43
N HIS A 171 2.92 -15.65 27.29
CA HIS A 171 1.73 -14.85 26.98
C HIS A 171 2.09 -13.37 26.88
N MET A 172 2.98 -12.90 27.76
CA MET A 172 3.42 -11.50 27.68
C MET A 172 4.07 -11.21 26.35
N GLU A 173 4.98 -12.09 25.90
CA GLU A 173 5.65 -11.87 24.63
C GLU A 173 4.67 -11.95 23.47
N ALA A 174 3.73 -12.89 23.52
CA ALA A 174 2.75 -13.00 22.45
C ALA A 174 1.89 -11.75 22.36
N TRP A 175 1.46 -11.20 23.49
CA TRP A 175 0.65 -10.00 23.46
C TRP A 175 1.46 -8.79 23.01
N VAL A 176 2.70 -8.68 23.47
CA VAL A 176 3.55 -7.57 23.02
C VAL A 176 3.79 -7.65 21.53
N ASN A 177 3.79 -8.86 20.96
CA ASN A 177 3.96 -8.97 19.51
C ASN A 177 2.86 -8.20 18.77
N LEU A 178 1.60 -8.47 19.10
CA LEU A 178 0.51 -7.76 18.45
C LEU A 178 0.48 -6.29 18.85
N LEU A 179 0.87 -5.95 20.08
CA LEU A 179 0.89 -4.56 20.48
C LEU A 179 1.88 -3.75 19.64
N LEU A 180 3.10 -4.27 19.48
CA LEU A 180 4.08 -3.61 18.65
C LEU A 180 3.63 -3.59 17.19
N GLY A 181 3.02 -4.68 16.72
CA GLY A 181 2.53 -4.69 15.35
C GLY A 181 1.50 -3.62 15.09
N THR A 182 0.53 -3.46 15.99
CA THR A 182 -0.50 -2.45 15.77
C THR A 182 0.06 -1.04 15.94
N MET A 183 1.02 -0.84 16.84
CA MET A 183 1.66 0.48 16.92
C MET A 183 2.38 0.82 15.63
N ILE A 184 3.14 -0.14 15.08
CA ILE A 184 3.85 0.10 13.83
C ILE A 184 2.88 0.40 12.70
N LEU A 185 1.80 -0.38 12.61
CA LEU A 185 0.84 -0.17 11.54
C LEU A 185 0.14 1.18 11.67
N MET A 186 -0.29 1.55 12.88
CA MET A 186 -0.97 2.83 13.07
C MET A 186 -0.05 4.00 12.78
N LEU A 187 1.24 3.91 13.14
CA LEU A 187 2.17 4.97 12.76
C LEU A 187 2.31 5.10 11.26
N ASN A 188 1.99 4.06 10.49
CA ASN A 188 2.16 4.04 9.05
C ASN A 188 0.81 4.22 8.37
N GLY A 189 -0.21 4.55 9.16
CA GLY A 189 -1.55 4.67 8.62
C GLY A 189 -2.08 3.34 8.15
N THR A 190 -2.56 3.29 6.91
CA THR A 190 -3.08 2.08 6.25
C THR A 190 -3.83 1.19 7.23
N ARG A 191 -4.87 1.76 7.85
CA ARG A 191 -5.61 1.04 8.89
C ARG A 191 -6.37 -0.15 8.32
N GLY A 192 -6.47 -0.25 6.99
CA GLY A 192 -7.03 -1.46 6.40
C GLY A 192 -6.23 -2.69 6.75
N ALA A 193 -4.90 -2.59 6.70
CA ALA A 193 -4.05 -3.69 7.14
C ALA A 193 -4.25 -3.95 8.63
N VAL A 194 -4.50 -2.89 9.40
CA VAL A 194 -4.74 -3.06 10.84
C VAL A 194 -5.99 -3.89 11.08
N VAL A 195 -7.08 -3.56 10.38
CA VAL A 195 -8.31 -4.31 10.58
C VAL A 195 -8.16 -5.73 10.04
N ALA A 196 -7.41 -5.92 8.96
CA ALA A 196 -7.16 -7.26 8.45
C ALA A 196 -6.40 -8.09 9.48
N MET A 197 -5.38 -7.52 10.09
CA MET A 197 -4.62 -8.25 11.11
C MET A 197 -5.48 -8.54 12.33
N LEU A 198 -6.31 -7.58 12.74
CA LEU A 198 -7.18 -7.80 13.90
C LEU A 198 -8.18 -8.91 13.64
N VAL A 199 -8.76 -8.95 12.44
CA VAL A 199 -9.74 -10.00 12.16
C VAL A 199 -9.04 -11.34 11.94
N THR A 200 -7.78 -11.32 11.49
CA THR A 200 -7.04 -12.56 11.30
C THR A 200 -6.56 -13.15 12.62
N SER A 201 -6.26 -12.31 13.60
CA SER A 201 -5.74 -12.81 14.87
C SER A 201 -6.81 -13.50 15.71
N VAL A 202 -8.08 -13.23 15.45
CA VAL A 202 -9.14 -13.86 16.25
C VAL A 202 -9.16 -15.37 16.10
N PRO A 203 -9.15 -15.95 14.89
CA PRO A 203 -9.07 -17.41 14.80
C PRO A 203 -7.77 -18.00 15.31
N MET A 204 -6.71 -17.20 15.41
CA MET A 204 -5.43 -17.69 15.93
C MET A 204 -5.43 -17.84 17.43
N LEU A 205 -6.49 -17.41 18.12
CA LEU A 205 -6.60 -17.63 19.55
C LEU A 205 -6.75 -19.12 19.81
N MET A 206 -7.10 -19.88 18.77
CA MET A 206 -7.05 -21.33 18.78
C MET A 206 -5.66 -21.85 19.09
N ILE A 207 -4.63 -21.26 18.48
CA ILE A 207 -3.26 -21.67 18.76
C ILE A 207 -2.73 -20.96 20.00
N ARG A 208 -3.15 -19.72 20.22
CA ARG A 208 -2.58 -18.91 21.30
C ARG A 208 -2.84 -19.54 22.66
N TYR A 209 -4.11 -19.65 23.05
CA TYR A 209 -4.48 -20.26 24.32
C TYR A 209 -5.00 -21.67 24.01
N ARG A 210 -4.29 -22.68 24.49
CA ARG A 210 -4.73 -24.05 24.28
C ARG A 210 -5.73 -24.48 25.35
N ARG A 211 -6.73 -23.63 25.59
CA ARG A 211 -7.84 -23.98 26.48
C ARG A 211 -9.14 -23.58 25.82
N PHE A 212 -9.11 -22.49 25.06
CA PHE A 212 -10.31 -21.94 24.44
C PHE A 212 -10.56 -22.70 23.14
N SER A 213 -11.58 -23.55 23.13
CA SER A 213 -11.86 -24.40 21.99
C SER A 213 -12.73 -23.67 20.99
N VAL A 214 -13.31 -24.40 20.05
CA VAL A 214 -14.14 -23.82 19.00
C VAL A 214 -15.33 -23.07 19.58
N ARG A 215 -15.96 -23.58 20.64
CA ARG A 215 -17.08 -22.87 21.25
C ARG A 215 -16.62 -21.59 21.92
N MET A 216 -15.46 -21.62 22.58
CA MET A 216 -14.87 -20.43 23.17
C MET A 216 -14.24 -19.50 22.13
N LEU A 217 -14.48 -19.75 20.85
CA LEU A 217 -14.15 -18.79 19.80
C LEU A 217 -15.43 -18.30 19.17
N ILE A 218 -16.40 -19.18 19.03
CA ILE A 218 -17.72 -18.85 18.48
C ILE A 218 -18.39 -17.83 19.39
N VAL A 219 -18.36 -18.07 20.70
CA VAL A 219 -18.98 -17.14 21.63
C VAL A 219 -18.29 -15.78 21.55
N ALA A 220 -16.96 -15.79 21.45
CA ALA A 220 -16.20 -14.54 21.40
C ALA A 220 -16.55 -13.74 20.15
N VAL A 221 -16.60 -14.39 18.99
CA VAL A 221 -16.93 -13.65 17.77
C VAL A 221 -18.37 -13.19 17.80
N CYS A 222 -19.28 -13.96 18.42
CA CYS A 222 -20.65 -13.50 18.55
C CYS A 222 -20.74 -12.24 19.41
N ALA A 223 -20.00 -12.22 20.52
CA ALA A 223 -20.00 -11.03 21.37
C ALA A 223 -19.40 -9.84 20.64
N VAL A 224 -18.31 -10.06 19.90
CA VAL A 224 -17.69 -8.96 19.16
C VAL A 224 -18.65 -8.41 18.12
N ALA A 225 -19.35 -9.30 17.40
CA ALA A 225 -20.31 -8.85 16.40
C ALA A 225 -21.45 -8.07 17.04
N THR A 226 -21.96 -8.54 18.18
CA THR A 226 -23.02 -7.80 18.86
C THR A 226 -22.55 -6.42 19.30
N LEU A 227 -21.33 -6.33 19.82
CA LEU A 227 -20.78 -5.03 20.20
C LEU A 227 -20.68 -4.12 18.99
N ALA A 228 -20.25 -4.65 17.85
CA ALA A 228 -20.15 -3.84 16.64
C ALA A 228 -21.54 -3.34 16.22
N ILE A 229 -22.54 -4.22 16.22
CA ILE A 229 -23.90 -3.82 15.87
C ILE A 229 -24.50 -2.85 16.87
N GLY A 230 -23.97 -2.78 18.09
CA GLY A 230 -24.50 -1.86 19.07
C GLY A 230 -24.31 -0.40 18.71
N ALA A 231 -23.49 -0.12 17.69
CA ALA A 231 -23.16 1.27 17.36
C ALA A 231 -24.34 1.99 16.72
N TYR A 232 -25.03 1.35 15.78
CA TYR A 232 -26.08 2.03 15.02
C TYR A 232 -27.28 2.42 15.87
N MET A 233 -27.45 1.85 17.06
CA MET A 233 -28.58 2.23 17.90
C MET A 233 -28.46 3.69 18.35
N VAL A 234 -27.24 4.18 18.50
CA VAL A 234 -26.97 5.60 18.71
C VAL A 234 -25.92 6.06 17.69
N PRO A 235 -26.33 6.65 16.58
CA PRO A 235 -25.39 7.00 15.50
C PRO A 235 -24.75 8.37 15.71
N ASP A 236 -24.01 8.51 16.80
CA ASP A 236 -23.28 9.73 17.09
C ASP A 236 -21.77 9.52 17.21
N SER A 237 -21.35 8.38 17.75
CA SER A 237 -19.93 8.12 17.92
C SER A 237 -19.25 7.88 16.57
N PRO A 238 -17.97 8.25 16.46
CA PRO A 238 -17.18 7.91 15.29
C PRO A 238 -17.33 6.49 14.77
N VAL A 239 -17.78 5.54 15.59
CA VAL A 239 -17.99 4.18 15.10
C VAL A 239 -19.08 4.15 14.04
N SER A 240 -20.18 4.87 14.28
CA SER A 240 -21.28 4.87 13.32
C SER A 240 -20.90 5.59 12.04
N LYS A 241 -20.22 6.72 12.15
CA LYS A 241 -20.00 7.63 11.03
C LYS A 241 -18.67 7.40 10.32
N ARG A 242 -18.18 6.16 10.31
CA ARG A 242 -17.12 5.77 9.39
C ARG A 242 -17.49 4.59 8.52
N VAL A 243 -18.31 3.65 9.01
CA VAL A 243 -18.99 2.69 8.15
C VAL A 243 -20.20 3.31 7.48
N ASP A 244 -20.64 4.48 7.93
CA ASP A 244 -21.65 5.28 7.25
C ASP A 244 -21.01 6.15 6.17
N ASP A 245 -19.69 6.10 6.05
CA ASP A 245 -18.97 6.82 5.00
C ASP A 245 -19.10 6.16 3.64
N ALA A 246 -19.48 4.89 3.59
CA ALA A 246 -19.64 4.16 2.35
C ALA A 246 -21.09 3.88 1.99
N VAL A 247 -22.02 4.09 2.93
CA VAL A 247 -23.43 3.92 2.62
C VAL A 247 -23.87 4.89 1.54
N SER A 248 -23.48 6.16 1.69
CA SER A 248 -23.78 7.14 0.65
C SER A 248 -23.09 6.77 -0.66
N GLU A 249 -21.86 6.26 -0.58
CA GLU A 249 -21.12 5.91 -1.79
C GLU A 249 -21.83 4.80 -2.56
N ILE A 250 -22.27 3.75 -1.86
CA ILE A 250 -22.92 2.64 -2.55
C ILE A 250 -24.31 3.05 -3.04
N GLN A 251 -25.05 3.83 -2.26
CA GLN A 251 -26.36 4.26 -2.72
C GLN A 251 -26.25 5.20 -3.92
N MET A 252 -25.15 5.95 -4.01
CA MET A 252 -24.92 6.77 -5.20
C MET A 252 -24.50 5.90 -6.37
N TYR A 253 -23.69 4.87 -6.13
CA TYR A 253 -23.28 3.99 -7.21
C TYR A 253 -24.48 3.28 -7.82
N ARG A 254 -25.44 2.89 -6.98
CA ARG A 254 -26.68 2.32 -7.50
C ARG A 254 -27.45 3.32 -8.35
N GLN A 255 -27.12 4.60 -8.25
CA GLN A 255 -27.69 5.65 -9.07
C GLN A 255 -26.70 6.05 -10.15
N GLY A 256 -27.02 7.13 -10.88
CA GLY A 256 -26.23 7.48 -12.05
C GLY A 256 -24.82 7.91 -11.76
N ASN A 257 -24.59 8.60 -10.64
CA ASN A 257 -23.29 9.20 -10.37
C ASN A 257 -22.36 8.17 -9.75
N ILE A 258 -21.27 7.85 -10.46
CA ILE A 258 -20.22 6.96 -9.95
C ILE A 258 -18.90 7.70 -10.13
N GLU A 259 -18.51 8.48 -9.13
CA GLU A 259 -17.21 9.16 -9.10
C GLU A 259 -16.64 9.16 -7.69
N THR A 260 -16.78 8.04 -6.99
CA THR A 260 -16.37 7.93 -5.60
C THR A 260 -15.53 6.67 -5.41
N SER A 261 -14.80 6.63 -4.30
CA SER A 261 -13.84 5.56 -4.07
C SER A 261 -14.51 4.20 -4.13
N VAL A 262 -15.56 4.00 -3.35
CA VAL A 262 -16.31 2.75 -3.41
C VAL A 262 -16.93 2.59 -4.79
N GLY A 263 -17.48 3.67 -5.34
CA GLY A 263 -18.08 3.60 -6.66
C GLY A 263 -17.07 3.25 -7.74
N VAL A 264 -15.90 3.89 -7.71
CA VAL A 264 -14.87 3.60 -8.70
C VAL A 264 -14.40 2.17 -8.57
N ARG A 265 -14.18 1.71 -7.34
CA ARG A 265 -13.72 0.34 -7.12
C ARG A 265 -14.74 -0.67 -7.64
N LEU A 266 -16.01 -0.44 -7.34
CA LEU A 266 -17.04 -1.35 -7.83
C LEU A 266 -17.19 -1.30 -9.34
N LYS A 267 -17.05 -0.12 -9.95
CA LYS A 267 -17.14 -0.04 -11.41
C LYS A 267 -16.01 -0.80 -12.07
N ILE A 268 -14.79 -0.69 -11.52
CA ILE A 268 -13.67 -1.45 -12.08
C ILE A 268 -13.91 -2.94 -11.89
N TRP A 269 -14.41 -3.34 -10.72
CA TRP A 269 -14.68 -4.75 -10.50
C TRP A 269 -15.71 -5.28 -11.50
N HIS A 270 -16.76 -4.50 -11.76
CA HIS A 270 -17.78 -4.97 -12.70
C HIS A 270 -17.24 -5.01 -14.13
N ILE A 271 -16.45 -4.02 -14.53
CA ILE A 271 -15.88 -4.04 -15.88
C ILE A 271 -14.84 -5.12 -16.04
N GLY A 272 -14.30 -5.64 -14.93
CA GLY A 272 -13.43 -6.79 -15.00
C GLY A 272 -14.18 -8.10 -15.07
N LEU A 273 -15.21 -8.24 -14.23
CA LEU A 273 -15.98 -9.47 -14.15
C LEU A 273 -17.02 -9.62 -15.25
N GLN A 274 -17.26 -8.58 -16.05
CA GLN A 274 -18.01 -8.75 -17.28
C GLN A 274 -17.13 -9.17 -18.44
N TYR A 275 -15.92 -8.62 -18.52
CA TYR A 275 -14.97 -9.10 -19.52
C TYR A 275 -14.61 -10.55 -19.27
N PHE A 276 -14.38 -10.91 -18.01
CA PHE A 276 -14.11 -12.31 -17.69
C PHE A 276 -15.26 -13.20 -18.14
N SER A 277 -16.50 -12.72 -17.97
CA SER A 277 -17.65 -13.50 -18.43
C SER A 277 -17.64 -13.63 -19.95
N GLU A 278 -17.23 -12.57 -20.66
CA GLU A 278 -17.20 -12.66 -22.12
C GLU A 278 -16.07 -13.55 -22.60
N HIS A 279 -14.95 -13.57 -21.89
CA HIS A 279 -13.79 -14.38 -22.25
C HIS A 279 -13.48 -15.33 -21.09
N PRO A 280 -14.10 -16.50 -21.08
CA PRO A 280 -13.99 -17.38 -19.91
C PRO A 280 -12.59 -17.95 -19.73
N TRP A 281 -12.03 -18.51 -20.79
CA TRP A 281 -10.80 -19.29 -20.68
C TRP A 281 -9.58 -18.39 -20.63
N THR A 282 -9.41 -17.53 -21.64
CA THR A 282 -8.29 -16.61 -21.70
C THR A 282 -8.81 -15.19 -21.81
N GLY A 283 -8.17 -14.25 -21.12
CA GLY A 283 -8.60 -12.88 -21.13
C GLY A 283 -7.79 -12.01 -22.07
N VAL A 284 -7.63 -10.72 -21.73
CA VAL A 284 -6.74 -9.88 -22.51
C VAL A 284 -5.32 -10.41 -22.48
N GLY A 285 -4.89 -10.95 -21.36
CA GLY A 285 -3.59 -11.56 -21.25
C GLY A 285 -2.95 -11.30 -19.92
N VAL A 286 -1.76 -11.86 -19.76
CA VAL A 286 -0.96 -11.70 -18.54
C VAL A 286 -0.58 -10.23 -18.41
N GLY A 287 -0.79 -9.67 -17.22
CA GLY A 287 -0.73 -8.23 -17.12
C GLY A 287 -1.80 -7.63 -18.02
N GLN A 288 -1.46 -6.52 -18.67
CA GLN A 288 -2.25 -5.97 -19.78
C GLN A 288 -3.71 -5.74 -19.40
N PHE A 289 -3.99 -5.47 -18.11
CA PHE A 289 -5.36 -5.19 -17.71
C PHE A 289 -5.87 -3.87 -18.27
N ALA A 290 -4.97 -2.93 -18.57
CA ALA A 290 -5.39 -1.63 -19.08
C ALA A 290 -6.13 -1.73 -20.40
N ARG A 291 -5.98 -2.85 -21.12
CA ARG A 291 -6.67 -2.98 -22.40
C ARG A 291 -8.18 -3.07 -22.23
N ILE A 292 -8.64 -3.69 -21.14
CA ILE A 292 -10.08 -3.76 -20.88
C ILE A 292 -10.65 -2.36 -20.75
N LEU A 293 -10.03 -1.53 -19.91
CA LEU A 293 -10.51 -0.17 -19.70
C LEU A 293 -10.37 0.65 -20.98
N HIS A 294 -9.25 0.50 -21.69
CA HIS A 294 -9.01 1.30 -22.88
C HIS A 294 -9.88 0.89 -24.06
N ALA A 295 -10.49 -0.29 -24.03
CA ALA A 295 -11.34 -0.75 -25.11
C ALA A 295 -12.81 -0.89 -24.74
N SER A 296 -13.19 -0.57 -23.52
CA SER A 296 -14.58 -0.74 -23.13
C SER A 296 -15.44 0.39 -23.66
N GLU A 297 -16.76 0.22 -23.53
CA GLU A 297 -17.73 1.21 -23.96
C GLU A 297 -18.15 2.16 -22.85
N PHE A 298 -17.64 1.97 -21.64
CA PHE A 298 -17.87 2.94 -20.57
C PHE A 298 -16.82 4.04 -20.59
N CYS A 299 -15.56 3.66 -20.81
CA CYS A 299 -14.50 4.65 -20.88
C CYS A 299 -14.54 5.46 -22.17
N HIS A 300 -15.25 4.97 -23.19
CA HIS A 300 -15.43 5.72 -24.41
C HIS A 300 -16.43 6.86 -24.25
N GLU A 301 -17.32 6.76 -23.27
CA GLU A 301 -18.37 7.76 -23.06
C GLU A 301 -18.10 8.66 -21.87
N THR A 302 -17.07 8.37 -21.07
CA THR A 302 -16.69 9.23 -19.96
C THR A 302 -15.22 8.98 -19.63
N LYS A 303 -14.61 9.95 -18.98
CA LYS A 303 -13.19 9.92 -18.65
C LYS A 303 -12.97 9.84 -17.14
N SER A 304 -13.76 9.01 -16.46
CA SER A 304 -13.63 8.87 -15.02
C SER A 304 -12.28 8.25 -14.64
N LEU A 305 -11.95 8.36 -13.36
CA LEU A 305 -10.66 7.89 -12.87
C LEU A 305 -10.49 6.38 -13.05
N ALA A 306 -11.59 5.64 -13.16
CA ALA A 306 -11.51 4.20 -13.34
C ALA A 306 -10.91 3.80 -14.67
N CYS A 307 -10.72 4.74 -15.59
CA CYS A 307 -10.25 4.45 -16.94
C CYS A 307 -8.76 4.66 -17.14
N VAL A 308 -8.00 4.96 -16.08
CA VAL A 308 -6.58 5.20 -16.21
C VAL A 308 -5.73 4.30 -15.32
N LEU A 309 -6.32 3.41 -14.54
CA LEU A 309 -5.54 2.57 -13.65
C LEU A 309 -4.86 1.43 -14.40
N GLU A 310 -3.60 1.19 -14.05
CA GLU A 310 -2.81 0.16 -14.71
C GLU A 310 -3.39 -1.22 -14.47
N HIS A 311 -3.82 -1.50 -13.25
CA HIS A 311 -4.29 -2.82 -12.88
C HIS A 311 -5.42 -2.71 -11.87
N ALA A 312 -6.24 -3.76 -11.81
CA ALA A 312 -7.31 -3.81 -10.83
C ALA A 312 -6.73 -3.93 -9.43
N HIS A 313 -7.59 -3.72 -8.43
CA HIS A 313 -7.18 -3.79 -7.04
C HIS A 313 -7.88 -4.93 -6.30
N ASN A 314 -8.19 -6.02 -7.01
CA ASN A 314 -8.76 -7.21 -6.40
C ASN A 314 -8.12 -8.42 -7.06
N ASP A 315 -7.44 -9.24 -6.27
CA ASP A 315 -6.73 -10.39 -6.83
C ASP A 315 -7.70 -11.34 -7.52
N ILE A 316 -8.83 -11.64 -6.86
CA ILE A 316 -9.84 -12.53 -7.44
C ILE A 316 -10.47 -11.96 -8.69
N VAL A 317 -10.39 -10.65 -8.89
CA VAL A 317 -10.90 -10.01 -10.10
C VAL A 317 -9.78 -9.77 -11.11
N GLU A 318 -8.63 -9.28 -10.64
CA GLU A 318 -7.53 -8.97 -11.54
C GLU A 318 -7.04 -10.24 -12.23
N ALA A 319 -6.80 -11.30 -11.47
CA ALA A 319 -6.31 -12.54 -12.06
C ALA A 319 -7.34 -13.12 -13.02
N ALA A 320 -8.61 -13.11 -12.63
CA ALA A 320 -9.65 -13.67 -13.48
C ALA A 320 -9.78 -12.91 -14.79
N SER A 321 -9.72 -11.58 -14.73
CA SER A 321 -9.88 -10.79 -15.96
C SER A 321 -8.65 -10.92 -16.85
N THR A 322 -7.45 -10.82 -16.27
CA THR A 322 -6.25 -10.81 -17.08
C THR A 322 -5.96 -12.18 -17.68
N THR A 323 -6.05 -13.24 -16.88
CA THR A 323 -5.69 -14.57 -17.33
C THR A 323 -6.88 -15.44 -17.70
N GLY A 324 -7.82 -15.63 -16.78
CA GLY A 324 -8.97 -16.46 -17.03
C GLY A 324 -9.02 -17.67 -16.13
N ILE A 325 -9.69 -18.72 -16.62
CA ILE A 325 -9.92 -19.90 -15.79
C ILE A 325 -8.63 -20.56 -15.35
N PRO A 326 -7.69 -20.92 -16.24
CA PRO A 326 -6.43 -21.50 -15.75
C PRO A 326 -5.66 -20.55 -14.85
N GLY A 327 -5.63 -19.27 -15.21
CA GLY A 327 -4.92 -18.30 -14.39
C GLY A 327 -5.57 -18.11 -13.04
N LEU A 328 -6.90 -18.07 -13.00
CA LEU A 328 -7.60 -18.01 -11.72
C LEU A 328 -7.31 -19.22 -10.86
N MET A 329 -7.34 -20.43 -11.45
CA MET A 329 -7.06 -21.62 -10.65
C MET A 329 -5.64 -21.61 -10.11
N VAL A 330 -4.65 -21.24 -10.93
CA VAL A 330 -3.27 -21.27 -10.47
C VAL A 330 -3.02 -20.18 -9.43
N MET A 331 -3.64 -19.01 -9.60
CA MET A 331 -3.48 -17.95 -8.61
C MET A 331 -4.09 -18.36 -7.28
N LEU A 332 -5.28 -18.97 -7.32
CA LEU A 332 -5.85 -19.49 -6.08
C LEU A 332 -4.96 -20.56 -5.47
N GLY A 333 -4.42 -21.45 -6.30
CA GLY A 333 -3.60 -22.54 -5.79
C GLY A 333 -2.36 -22.03 -5.09
N LEU A 334 -1.75 -20.97 -5.63
CA LEU A 334 -0.50 -20.45 -5.07
C LEU A 334 -0.67 -20.09 -3.59
N PHE A 335 -1.87 -19.73 -3.16
CA PHE A 335 -2.13 -19.48 -1.75
C PHE A 335 -2.77 -20.66 -1.03
N LEU A 336 -3.66 -21.40 -1.69
CA LEU A 336 -4.38 -22.48 -1.01
C LEU A 336 -3.56 -23.74 -0.80
N VAL A 337 -2.64 -24.09 -1.70
CA VAL A 337 -1.86 -25.31 -1.53
C VAL A 337 -1.01 -25.22 -0.27
N PRO A 338 -0.32 -24.08 0.02
CA PRO A 338 0.29 -23.93 1.35
C PRO A 338 -0.72 -24.08 2.47
N ALA A 339 -1.94 -23.58 2.27
CA ALA A 339 -2.97 -23.69 3.29
C ALA A 339 -3.43 -25.13 3.53
N VAL A 340 -3.24 -26.01 2.54
CA VAL A 340 -3.53 -27.42 2.72
C VAL A 340 -2.34 -28.19 3.27
N LEU A 341 -1.11 -27.74 2.95
CA LEU A 341 0.07 -28.35 3.52
C LEU A 341 0.31 -27.98 4.97
N PHE A 342 -0.16 -26.81 5.41
CA PHE A 342 -0.01 -26.44 6.81
C PHE A 342 -0.98 -27.20 7.70
N ALA A 343 -2.20 -27.47 7.22
CA ALA A 343 -3.15 -28.22 8.01
C ALA A 343 -2.67 -29.66 8.23
N ARG A 344 -2.11 -30.28 7.20
CA ARG A 344 -1.65 -31.66 7.29
C ARG A 344 -0.42 -31.81 8.17
N ALA A 345 0.36 -30.74 8.37
CA ALA A 345 1.44 -30.75 9.33
C ALA A 345 0.97 -30.37 10.74
N LEU A 346 0.00 -29.46 10.85
CA LEU A 346 -0.55 -29.11 12.15
C LEU A 346 -1.23 -30.31 12.80
N ARG A 347 -2.02 -31.06 12.03
CA ARG A 347 -2.68 -32.22 12.60
C ARG A 347 -1.68 -33.29 12.99
N ALA A 348 -0.62 -33.48 12.19
CA ALA A 348 0.41 -34.43 12.56
C ALA A 348 1.11 -34.04 13.85
N ALA A 349 1.48 -32.76 13.99
CA ALA A 349 2.11 -32.30 15.22
C ALA A 349 1.17 -32.45 16.40
N ARG A 350 -0.11 -32.18 16.20
CA ARG A 350 -1.09 -32.36 17.26
C ARG A 350 -1.17 -33.81 17.68
N SER A 351 -1.13 -34.73 16.73
CA SER A 351 -1.12 -36.15 17.06
C SER A 351 0.17 -36.58 17.73
N LEU A 352 1.26 -35.84 17.52
CA LEU A 352 2.56 -36.17 18.09
C LEU A 352 2.85 -35.43 19.39
N GLY A 353 1.88 -34.68 19.92
CA GLY A 353 2.20 -33.77 20.99
C GLY A 353 2.93 -32.56 20.45
N ASN A 354 4.26 -32.49 20.69
CA ASN A 354 5.19 -31.62 19.98
C ASN A 354 4.65 -30.22 19.75
N PRO A 355 4.48 -29.41 20.80
CA PRO A 355 3.74 -28.15 20.64
C PRO A 355 4.36 -27.18 19.64
N GLN A 356 5.67 -27.28 19.41
CA GLN A 356 6.34 -26.28 18.56
C GLN A 356 5.85 -26.39 17.12
N GLY A 357 5.70 -27.61 16.62
CA GLY A 357 5.14 -27.80 15.30
C GLY A 357 3.69 -27.33 15.20
N VAL A 358 2.92 -27.54 16.26
CA VAL A 358 1.53 -27.08 16.28
C VAL A 358 1.47 -25.57 16.13
N SER A 359 2.28 -24.86 16.93
CA SER A 359 2.29 -23.41 16.85
C SER A 359 2.79 -22.93 15.49
N LEU A 360 3.78 -23.62 14.93
CA LEU A 360 4.28 -23.25 13.61
C LEU A 360 3.20 -23.41 12.54
N GLY A 361 2.46 -24.52 12.58
CA GLY A 361 1.38 -24.70 11.63
C GLY A 361 0.30 -23.65 11.80
N GLY A 362 -0.01 -23.29 13.04
CA GLY A 362 -0.97 -22.22 13.27
C GLY A 362 -0.50 -20.89 12.70
N ALA A 363 0.79 -20.59 12.87
CA ALA A 363 1.33 -19.36 12.31
C ALA A 363 1.24 -19.36 10.79
N GLY A 364 1.56 -20.49 10.15
CA GLY A 364 1.46 -20.57 8.71
C GLY A 364 0.04 -20.39 8.21
N LEU A 365 -0.92 -21.02 8.89
CA LEU A 365 -2.32 -20.86 8.51
C LEU A 365 -2.77 -19.40 8.67
N GLY A 366 -2.35 -18.76 9.76
CA GLY A 366 -2.67 -17.36 9.95
C GLY A 366 -2.09 -16.47 8.87
N VAL A 367 -0.85 -16.76 8.45
CA VAL A 367 -0.24 -15.99 7.37
C VAL A 367 -1.02 -16.17 6.08
N VAL A 368 -1.44 -17.39 5.77
CA VAL A 368 -2.22 -17.62 4.56
C VAL A 368 -3.54 -16.85 4.62
N MET A 369 -4.22 -16.90 5.76
CA MET A 369 -5.48 -16.19 5.91
C MET A 369 -5.28 -14.67 5.76
N ALA A 370 -4.23 -14.13 6.36
CA ALA A 370 -3.95 -12.71 6.24
C ALA A 370 -3.62 -12.32 4.81
N SER A 371 -2.86 -13.17 4.10
CA SER A 371 -2.55 -12.88 2.71
C SER A 371 -3.81 -12.87 1.86
N LEU A 372 -4.71 -13.82 2.08
CA LEU A 372 -5.97 -13.82 1.34
C LEU A 372 -6.80 -12.58 1.65
N ILE A 373 -6.88 -12.21 2.93
CA ILE A 373 -7.69 -11.04 3.30
C ILE A 373 -7.10 -9.77 2.71
N SER A 374 -5.77 -9.62 2.74
CA SER A 374 -5.13 -8.47 2.13
C SER A 374 -5.36 -8.44 0.63
N GLY A 375 -5.29 -9.60 -0.03
CA GLY A 375 -5.58 -9.68 -1.44
C GLY A 375 -7.03 -9.39 -1.77
N LEU A 376 -7.92 -9.49 -0.78
CA LEU A 376 -9.32 -9.14 -1.01
C LEU A 376 -9.52 -7.64 -1.27
N THR A 377 -8.50 -6.81 -1.01
CA THR A 377 -8.59 -5.38 -1.27
C THR A 377 -7.48 -4.82 -2.14
N GLN A 378 -6.48 -5.61 -2.49
CA GLN A 378 -5.37 -5.14 -3.29
C GLN A 378 -4.76 -6.31 -4.04
N VAL A 379 -3.95 -5.99 -5.06
CA VAL A 379 -3.24 -7.00 -5.83
C VAL A 379 -1.83 -7.12 -5.27
N THR A 380 -1.57 -8.21 -4.53
CA THR A 380 -0.25 -8.41 -3.95
C THR A 380 0.78 -8.82 -5.00
N MET A 381 0.34 -9.12 -6.22
CA MET A 381 1.27 -9.59 -7.23
C MET A 381 2.14 -8.47 -7.78
N ALA A 382 1.65 -7.23 -7.74
CA ALA A 382 2.35 -6.12 -8.38
C ALA A 382 3.65 -5.78 -7.65
N HIS A 383 3.59 -5.64 -6.32
CA HIS A 383 4.75 -5.22 -5.56
C HIS A 383 5.77 -6.35 -5.51
N GLN A 384 6.97 -6.09 -6.04
CA GLN A 384 8.02 -7.12 -6.03
C GLN A 384 8.44 -7.47 -4.61
N ALA A 385 8.53 -6.46 -3.73
CA ALA A 385 8.90 -6.72 -2.35
C ALA A 385 7.87 -7.60 -1.66
N ASN A 386 6.59 -7.32 -1.87
CA ASN A 386 5.54 -8.15 -1.27
C ASN A 386 5.63 -9.59 -1.78
N VAL A 387 5.84 -9.75 -3.08
CA VAL A 387 5.89 -11.10 -3.66
C VAL A 387 7.07 -11.87 -3.10
N VAL A 388 8.26 -11.26 -3.09
CA VAL A 388 9.44 -11.98 -2.64
C VAL A 388 9.35 -12.29 -1.15
N PHE A 389 8.81 -11.36 -0.36
CA PHE A 389 8.67 -11.61 1.07
C PHE A 389 7.68 -12.73 1.34
N TYR A 390 6.54 -12.72 0.64
CA TYR A 390 5.56 -13.78 0.85
C TYR A 390 6.12 -15.12 0.46
N ALA A 391 6.82 -15.19 -0.68
CA ALA A 391 7.42 -16.44 -1.10
C ALA A 391 8.45 -16.93 -0.09
N GLY A 392 9.32 -16.05 0.37
CA GLY A 392 10.32 -16.43 1.34
C GLY A 392 9.73 -16.92 2.64
N LEU A 393 8.74 -16.21 3.17
CA LEU A 393 8.14 -16.61 4.44
C LEU A 393 7.36 -17.90 4.30
N ILE A 394 6.62 -18.07 3.19
CA ILE A 394 5.83 -19.27 3.00
C ILE A 394 6.69 -20.49 2.72
N GLY A 395 7.88 -20.31 2.16
CA GLY A 395 8.82 -21.41 2.01
C GLY A 395 9.68 -21.65 3.22
N LEU A 396 9.81 -20.67 4.11
CA LEU A 396 10.58 -20.84 5.33
C LEU A 396 9.79 -21.43 6.48
N LEU A 397 8.54 -21.00 6.69
CA LEU A 397 7.75 -21.58 7.77
C LEU A 397 7.45 -23.05 7.53
N LEU A 398 7.07 -23.40 6.31
CA LEU A 398 6.67 -24.77 6.02
C LEU A 398 7.86 -25.72 6.08
N GLY A 399 9.08 -25.21 5.92
CA GLY A 399 10.25 -26.04 6.09
C GLY A 399 10.35 -26.59 7.49
N MET A 400 10.39 -25.71 8.49
CA MET A 400 10.41 -26.18 9.87
C MET A 400 9.12 -26.90 10.25
N ALA A 401 7.99 -26.50 9.70
CA ALA A 401 6.75 -27.19 10.00
C ALA A 401 6.81 -28.66 9.58
N GLY A 402 7.29 -28.92 8.36
CA GLY A 402 7.44 -30.30 7.92
C GLY A 402 8.52 -31.03 8.70
N ARG A 403 9.63 -30.35 9.01
CA ARG A 403 10.70 -30.97 9.78
C ARG A 403 10.18 -31.43 11.13
N GLU A 404 9.39 -30.60 11.81
CA GLU A 404 8.86 -30.97 13.11
C GLU A 404 7.77 -32.03 12.98
N ALA A 405 6.94 -31.94 11.93
CA ALA A 405 5.86 -32.90 11.76
C ALA A 405 6.40 -34.31 11.54
N HIS A 406 7.39 -34.46 10.66
CA HIS A 406 7.94 -35.79 10.40
C HIS A 406 8.71 -36.30 11.62
N SER A 407 9.60 -35.49 12.17
CA SER A 407 10.42 -35.92 13.30
C SER A 407 10.76 -34.75 14.22
N VAL B 5 -18.74 16.63 -8.00
CA VAL B 5 -17.82 16.95 -6.92
C VAL B 5 -17.23 18.34 -7.15
N GLN B 6 -17.61 19.30 -6.30
CA GLN B 6 -17.15 20.67 -6.42
C GLN B 6 -16.70 21.20 -5.06
N LEU B 7 -15.71 22.08 -5.09
CA LEU B 7 -15.23 22.76 -3.90
C LEU B 7 -15.25 24.26 -4.15
N VAL B 8 -15.88 25.01 -3.24
CA VAL B 8 -15.99 26.46 -3.37
C VAL B 8 -15.52 27.10 -2.07
N GLU B 9 -14.84 28.23 -2.19
CA GLU B 9 -14.31 28.96 -1.04
C GLU B 9 -14.65 30.43 -1.17
N SER B 10 -14.86 31.07 -0.03
CA SER B 10 -15.14 32.50 0.02
C SER B 10 -14.79 33.04 1.40
N GLY B 11 -14.53 34.34 1.46
CA GLY B 11 -14.20 34.98 2.73
C GLY B 11 -13.04 35.95 2.62
N GLY B 12 -12.43 36.03 1.44
CA GLY B 12 -11.32 36.93 1.24
C GLY B 12 -11.76 38.37 1.04
N GLY B 13 -10.79 39.28 1.17
CA GLY B 13 -11.07 40.70 0.99
C GLY B 13 -9.92 41.55 1.48
N LEU B 14 -10.20 42.82 1.69
CA LEU B 14 -9.21 43.77 2.16
C LEU B 14 -9.13 43.74 3.69
N VAL B 15 -7.92 43.56 4.21
CA VAL B 15 -7.68 43.52 5.65
C VAL B 15 -6.36 44.22 5.93
N GLN B 16 -6.33 45.04 6.98
CA GLN B 16 -5.10 45.71 7.37
C GLN B 16 -4.19 44.72 8.11
N PRO B 17 -2.87 44.95 8.08
CA PRO B 17 -1.96 44.06 8.80
C PRO B 17 -2.23 44.09 10.31
N GLY B 18 -2.01 42.94 10.94
CA GLY B 18 -2.28 42.78 12.35
C GLY B 18 -3.68 42.32 12.69
N GLY B 19 -4.55 42.14 11.69
CA GLY B 19 -5.91 41.72 11.95
C GLY B 19 -6.09 40.22 11.86
N SER B 20 -7.29 39.78 11.47
CA SER B 20 -7.59 38.36 11.37
C SER B 20 -8.61 38.15 10.28
N LEU B 21 -8.63 36.94 9.73
CA LEU B 21 -9.55 36.60 8.65
C LEU B 21 -9.80 35.10 8.68
N ARG B 22 -10.99 34.71 8.22
CA ARG B 22 -11.39 33.31 8.17
C ARG B 22 -11.94 32.99 6.79
N LEU B 23 -11.46 31.89 6.21
CA LEU B 23 -11.92 31.41 4.91
C LEU B 23 -12.72 30.12 5.11
N SER B 24 -13.88 30.04 4.46
CA SER B 24 -14.73 28.86 4.51
C SER B 24 -14.67 28.16 3.15
N CYS B 25 -14.24 26.91 3.14
CA CYS B 25 -14.12 26.11 1.92
C CYS B 25 -15.27 25.10 1.90
N ALA B 26 -16.41 25.52 1.35
CA ALA B 26 -17.53 24.62 1.22
C ALA B 26 -17.25 23.54 0.18
N ALA B 27 -17.63 22.31 0.50
CA ALA B 27 -17.40 21.16 -0.36
C ALA B 27 -18.72 20.51 -0.73
N SER B 28 -18.70 19.77 -1.85
CA SER B 28 -19.89 19.09 -2.33
C SER B 28 -19.44 17.83 -3.07
N GLY B 29 -20.30 16.82 -3.06
CA GLY B 29 -20.02 15.57 -3.74
C GLY B 29 -19.22 14.56 -2.95
N PHE B 30 -18.74 14.92 -1.75
CA PHE B 30 -17.99 13.99 -0.92
C PHE B 30 -18.06 14.50 0.52
N ASN B 31 -17.46 13.74 1.44
CA ASN B 31 -17.49 14.06 2.86
C ASN B 31 -16.12 14.59 3.26
N VAL B 32 -16.11 15.74 3.95
CA VAL B 32 -14.84 16.34 4.35
C VAL B 32 -14.12 15.46 5.36
N TYR B 33 -14.88 14.72 6.18
CA TYR B 33 -14.26 13.83 7.15
C TYR B 33 -13.67 12.58 6.49
N SER B 34 -13.96 12.35 5.21
CA SER B 34 -13.43 11.18 4.51
C SER B 34 -12.02 11.43 4.01
N SER B 35 -11.85 12.42 3.15
CA SER B 35 -10.56 12.73 2.56
C SER B 35 -9.84 13.79 3.40
N SER B 36 -8.74 14.31 2.89
CA SER B 36 -7.98 15.37 3.54
C SER B 36 -8.03 16.62 2.69
N ILE B 37 -8.19 17.76 3.35
CA ILE B 37 -8.34 19.05 2.68
C ILE B 37 -7.09 19.87 2.93
N HIS B 38 -6.48 20.37 1.85
CA HIS B 38 -5.25 21.13 1.94
C HIS B 38 -5.49 22.56 1.46
N TRP B 39 -5.01 23.52 2.25
CA TRP B 39 -4.98 24.91 1.83
C TRP B 39 -3.63 25.20 1.17
N VAL B 40 -3.66 25.97 0.09
CA VAL B 40 -2.45 26.37 -0.62
C VAL B 40 -2.65 27.79 -1.15
N ARG B 41 -1.59 28.59 -1.08
CA ARG B 41 -1.66 29.98 -1.51
C ARG B 41 -0.56 30.26 -2.53
N GLN B 42 -0.83 31.22 -3.41
CA GLN B 42 0.12 31.62 -4.44
C GLN B 42 0.28 33.13 -4.40
N ALA B 43 1.51 33.58 -4.15
CA ALA B 43 1.80 35.01 -4.18
C ALA B 43 1.62 35.52 -5.61
N PRO B 44 1.19 36.78 -5.76
CA PRO B 44 0.91 37.30 -7.12
C PRO B 44 2.18 37.41 -7.93
N GLY B 45 2.17 36.78 -9.10
CA GLY B 45 3.37 36.69 -9.92
C GLY B 45 4.47 35.85 -9.30
N LYS B 46 4.10 34.81 -8.58
CA LYS B 46 5.07 33.92 -7.94
C LYS B 46 4.49 32.50 -7.97
N GLY B 47 5.21 31.55 -7.36
CA GLY B 47 4.79 30.16 -7.36
C GLY B 47 3.86 29.82 -6.20
N LEU B 48 3.34 28.60 -6.24
CA LEU B 48 2.45 28.13 -5.20
C LEU B 48 3.20 27.89 -3.90
N GLU B 49 2.53 28.14 -2.78
CA GLU B 49 3.10 27.96 -1.45
C GLU B 49 2.12 27.20 -0.57
N TRP B 50 2.57 26.06 -0.04
CA TRP B 50 1.78 25.26 0.88
C TRP B 50 1.74 25.90 2.25
N VAL B 51 0.64 25.67 2.98
CA VAL B 51 0.51 26.20 4.33
C VAL B 51 0.20 25.11 5.34
N ALA B 52 -0.89 24.37 5.12
CA ALA B 52 -1.33 23.40 6.12
C ALA B 52 -2.35 22.45 5.51
N TYR B 53 -2.64 21.37 6.26
CA TYR B 53 -3.79 20.53 5.96
C TYR B 53 -4.24 19.85 7.24
N ILE B 54 -5.27 19.04 7.12
CA ILE B 54 -5.78 18.21 8.21
C ILE B 54 -5.83 16.76 7.73
N SER B 55 -5.65 15.82 8.66
CA SER B 55 -5.67 14.41 8.31
C SER B 55 -7.09 13.97 7.98
N SER B 56 -7.19 12.78 7.39
CA SER B 56 -8.48 12.26 6.95
C SER B 56 -9.41 12.02 8.13
N TYR B 57 -9.05 11.09 9.01
CA TYR B 57 -9.88 10.73 10.15
C TYR B 57 -9.34 11.20 11.48
N TYR B 58 -8.02 11.06 11.71
CA TYR B 58 -7.44 11.41 12.99
C TYR B 58 -7.58 12.89 13.31
N GLY B 59 -7.64 13.74 12.29
CA GLY B 59 -7.65 15.17 12.51
C GLY B 59 -6.30 15.78 12.78
N SER B 60 -5.22 15.00 12.70
CA SER B 60 -3.89 15.53 12.91
C SER B 60 -3.54 16.54 11.83
N THR B 61 -2.83 17.59 12.22
CA THR B 61 -2.53 18.71 11.35
C THR B 61 -1.04 19.03 11.36
N TYR B 62 -0.56 19.57 10.24
CA TYR B 62 0.78 20.11 10.11
C TYR B 62 0.71 21.48 9.47
N TYR B 63 1.69 22.33 9.81
CA TYR B 63 1.71 23.71 9.35
C TYR B 63 3.06 24.01 8.73
N ALA B 64 3.07 24.99 7.83
CA ALA B 64 4.32 25.43 7.22
C ALA B 64 5.13 26.24 8.21
N ASP B 65 6.39 26.50 7.86
CA ASP B 65 7.28 27.23 8.76
C ASP B 65 6.80 28.64 9.02
N SER B 66 6.34 29.34 7.96
CA SER B 66 6.01 30.74 8.10
C SER B 66 4.67 30.94 8.81
N VAL B 67 3.70 30.04 8.57
CA VAL B 67 2.35 30.22 9.07
C VAL B 67 2.09 29.49 10.38
N LYS B 68 3.10 28.81 10.92
CA LYS B 68 2.89 28.04 12.15
C LYS B 68 2.70 28.97 13.34
N GLY B 69 1.73 28.62 14.19
CA GLY B 69 1.46 29.36 15.40
C GLY B 69 0.38 30.42 15.29
N ARG B 70 -0.02 30.80 14.08
CA ARG B 70 -1.05 31.80 13.90
C ARG B 70 -2.19 31.35 13.01
N PHE B 71 -2.02 30.26 12.26
CA PHE B 71 -3.05 29.75 11.36
C PHE B 71 -3.75 28.58 12.04
N THR B 72 -5.07 28.58 12.00
CA THR B 72 -5.87 27.53 12.61
C THR B 72 -6.77 26.91 11.55
N ILE B 73 -6.45 25.70 11.14
CA ILE B 73 -7.27 24.96 10.20
C ILE B 73 -8.24 24.09 10.99
N SER B 74 -9.44 23.91 10.45
CA SER B 74 -10.48 23.18 11.17
C SER B 74 -11.42 22.53 10.17
N ALA B 75 -12.15 21.53 10.64
CA ALA B 75 -13.13 20.82 9.85
C ALA B 75 -14.40 20.63 10.66
N ASP B 76 -15.53 20.52 9.95
CA ASP B 76 -16.83 20.35 10.59
C ASP B 76 -17.63 19.38 9.72
N THR B 77 -17.67 18.11 10.14
CA THR B 77 -18.37 17.11 9.35
C THR B 77 -19.88 17.32 9.37
N SER B 78 -20.39 18.08 10.35
CA SER B 78 -21.81 18.36 10.39
C SER B 78 -22.25 19.20 9.18
N LYS B 79 -21.46 20.20 8.81
CA LYS B 79 -21.75 21.04 7.66
C LYS B 79 -20.93 20.67 6.44
N ASN B 80 -20.05 19.68 6.55
CA ASN B 80 -19.21 19.23 5.45
C ASN B 80 -18.41 20.39 4.84
N THR B 81 -17.78 21.16 5.72
CA THR B 81 -17.03 22.34 5.31
C THR B 81 -15.68 22.36 6.03
N ALA B 82 -14.72 23.05 5.44
CA ALA B 82 -13.40 23.23 6.01
C ALA B 82 -13.09 24.71 6.13
N TYR B 83 -12.43 25.09 7.21
CA TYR B 83 -12.14 26.48 7.50
C TYR B 83 -10.67 26.66 7.83
N LEU B 84 -10.12 27.81 7.43
CA LEU B 84 -8.78 28.21 7.78
C LEU B 84 -8.84 29.60 8.41
N GLN B 85 -8.42 29.69 9.68
CA GLN B 85 -8.51 30.92 10.45
C GLN B 85 -7.09 31.44 10.66
N MET B 86 -6.86 32.69 10.26
CA MET B 86 -5.55 33.32 10.33
C MET B 86 -5.56 34.43 11.37
N ASN B 87 -4.44 34.59 12.08
CA ASN B 87 -4.30 35.64 13.08
C ASN B 87 -2.97 36.37 12.88
N SER B 88 -2.97 37.67 13.18
CA SER B 88 -1.79 38.52 13.12
C SER B 88 -1.14 38.46 11.74
N LEU B 89 -1.93 38.82 10.73
CA LEU B 89 -1.45 38.83 9.36
C LEU B 89 -0.46 39.98 9.14
N ARG B 90 0.53 39.76 8.28
CA ARG B 90 1.41 40.82 7.83
C ARG B 90 1.21 41.03 6.34
N ALA B 91 1.98 41.99 5.80
CA ALA B 91 1.87 42.33 4.38
C ALA B 91 2.38 41.22 3.46
N GLU B 92 3.14 40.27 3.99
CA GLU B 92 3.68 39.19 3.19
C GLU B 92 2.68 38.05 2.99
N ASP B 93 1.50 38.14 3.59
CA ASP B 93 0.48 37.11 3.48
C ASP B 93 -0.51 37.37 2.34
N THR B 94 -0.30 38.43 1.56
CA THR B 94 -1.20 38.73 0.44
C THR B 94 -0.95 37.72 -0.68
N ALA B 95 -1.98 36.95 -1.01
CA ALA B 95 -1.90 35.90 -2.02
C ALA B 95 -3.30 35.40 -2.30
N VAL B 96 -3.43 34.59 -3.35
CA VAL B 96 -4.68 33.92 -3.67
C VAL B 96 -4.66 32.54 -3.03
N TYR B 97 -5.74 32.21 -2.32
CA TYR B 97 -5.81 30.98 -1.54
C TYR B 97 -6.71 29.97 -2.23
N TYR B 98 -6.22 28.75 -2.36
CA TYR B 98 -6.90 27.67 -3.06
C TYR B 98 -7.26 26.56 -2.07
N CYS B 99 -8.27 25.78 -2.43
CA CYS B 99 -8.57 24.55 -1.72
C CYS B 99 -7.89 23.40 -2.46
N ALA B 100 -7.77 22.25 -1.81
CA ALA B 100 -7.15 21.08 -2.43
C ALA B 100 -7.63 19.78 -1.78
N ARG B 101 -7.85 18.75 -2.58
CA ARG B 101 -8.29 17.45 -2.10
C ARG B 101 -7.40 16.38 -2.71
N ILE B 102 -6.88 15.49 -1.87
CA ILE B 102 -6.04 14.43 -2.39
C ILE B 102 -6.89 13.40 -3.10
N MET B 103 -6.21 12.53 -3.88
CA MET B 103 -6.89 11.40 -4.46
C MET B 103 -7.22 10.37 -3.38
N PHE B 104 -7.84 9.27 -3.81
CA PHE B 104 -8.11 8.18 -2.89
C PHE B 104 -6.80 7.58 -2.40
N LYS B 105 -6.81 7.08 -1.16
CA LYS B 105 -5.58 6.54 -0.59
C LYS B 105 -5.09 5.32 -1.36
N TRP B 106 -6.01 4.50 -1.88
CA TRP B 106 -5.60 3.29 -2.58
C TRP B 106 -5.03 3.59 -3.96
N VAL B 107 -5.64 4.54 -4.68
CA VAL B 107 -5.13 4.87 -6.01
C VAL B 107 -3.75 5.53 -5.91
N SER B 108 -3.52 6.33 -4.88
CA SER B 108 -2.22 6.96 -4.65
C SER B 108 -1.92 6.93 -3.17
N PRO B 109 -0.99 6.08 -2.73
CA PRO B 109 -0.64 6.05 -1.30
C PRO B 109 -0.04 7.35 -0.81
N ASN B 110 0.51 8.15 -1.72
CA ASN B 110 1.11 9.44 -1.41
C ASN B 110 0.19 10.54 -1.90
N MET B 111 0.16 11.65 -1.15
CA MET B 111 -0.83 12.68 -1.40
C MET B 111 -0.61 13.34 -2.76
N ALA B 112 -1.72 13.58 -3.46
CA ALA B 112 -1.68 14.13 -4.82
C ALA B 112 -2.97 14.88 -5.08
N PHE B 113 -2.86 16.17 -5.40
CA PHE B 113 -4.02 17.04 -5.43
C PHE B 113 -4.72 16.91 -6.78
N ASP B 114 -6.00 16.56 -6.77
CA ASP B 114 -6.74 16.39 -8.01
C ASP B 114 -7.87 17.40 -8.21
N TYR B 115 -8.69 17.63 -7.19
CA TYR B 115 -9.83 18.55 -7.29
C TYR B 115 -9.51 19.80 -6.48
N TRP B 116 -9.61 20.95 -7.14
CA TRP B 116 -9.26 22.23 -6.56
C TRP B 116 -10.50 23.12 -6.45
N GLY B 117 -10.29 24.36 -6.00
CA GLY B 117 -11.34 25.34 -5.92
C GLY B 117 -11.05 26.55 -6.80
N GLN B 118 -12.04 27.43 -6.87
CA GLN B 118 -11.89 28.63 -7.70
C GLN B 118 -10.89 29.61 -7.09
N GLY B 119 -10.78 29.62 -5.77
CA GLY B 119 -9.81 30.48 -5.11
C GLY B 119 -10.36 31.85 -4.74
N THR B 120 -9.77 32.45 -3.70
CA THR B 120 -10.12 33.79 -3.26
C THR B 120 -8.85 34.59 -3.00
N LEU B 121 -8.96 35.90 -3.11
CA LEU B 121 -7.83 36.81 -2.96
C LEU B 121 -7.94 37.55 -1.64
N VAL B 122 -6.85 37.56 -0.88
CA VAL B 122 -6.78 38.26 0.41
C VAL B 122 -5.66 39.29 0.31
N THR B 123 -5.91 40.48 0.86
CA THR B 123 -4.93 41.55 0.82
C THR B 123 -4.98 42.41 2.08
N ASP C 2 13.86 22.46 5.86
CA ASP C 2 13.04 21.36 5.39
C ASP C 2 13.57 20.78 4.08
N ILE C 3 12.70 20.63 3.09
CA ILE C 3 13.04 20.07 1.80
C ILE C 3 12.87 21.15 0.74
N GLN C 4 13.91 21.33 -0.08
CA GLN C 4 13.91 22.34 -1.12
C GLN C 4 13.84 21.67 -2.49
N MET C 5 12.92 22.12 -3.33
CA MET C 5 12.74 21.60 -4.67
C MET C 5 13.17 22.66 -5.69
N THR C 6 13.99 22.25 -6.64
CA THR C 6 14.49 23.14 -7.69
C THR C 6 14.07 22.60 -9.05
N GLN C 7 13.73 23.50 -9.96
CA GLN C 7 13.33 23.14 -11.32
C GLN C 7 14.24 23.82 -12.32
N SER C 8 14.55 23.11 -13.40
CA SER C 8 15.38 23.61 -14.48
C SER C 8 14.86 23.06 -15.80
N PRO C 9 14.64 23.92 -16.81
CA PRO C 9 14.83 25.38 -16.75
C PRO C 9 13.69 26.09 -16.02
N SER C 10 13.97 27.31 -15.53
CA SER C 10 12.93 28.09 -14.87
C SER C 10 11.92 28.63 -15.89
N SER C 11 12.36 28.88 -17.11
CA SER C 11 11.48 29.35 -18.18
C SER C 11 12.11 29.03 -19.52
N LEU C 12 11.42 28.23 -20.33
CA LEU C 12 11.90 27.86 -21.66
C LEU C 12 10.76 27.98 -22.65
N SER C 13 11.12 28.23 -23.92
CA SER C 13 10.16 28.37 -24.99
C SER C 13 10.54 27.44 -26.13
N ALA C 14 9.53 26.79 -26.71
CA ALA C 14 9.76 25.85 -27.81
C ALA C 14 8.56 25.88 -28.74
N SER C 15 8.81 25.75 -30.04
CA SER C 15 7.74 25.77 -31.02
C SER C 15 6.91 24.49 -30.94
N VAL C 16 5.79 24.49 -31.65
CA VAL C 16 4.91 23.32 -31.66
C VAL C 16 5.60 22.16 -32.36
N GLY C 17 5.40 20.95 -31.81
CA GLY C 17 5.99 19.75 -32.36
C GLY C 17 7.31 19.35 -31.74
N ASP C 18 7.99 20.26 -31.06
CA ASP C 18 9.27 19.97 -30.41
C ASP C 18 9.01 19.53 -28.98
N ARG C 19 9.40 18.31 -28.65
CA ARG C 19 9.24 17.81 -27.29
C ARG C 19 10.15 18.56 -26.33
N VAL C 20 9.63 18.83 -25.14
CA VAL C 20 10.34 19.59 -24.11
C VAL C 20 10.37 18.76 -22.83
N THR C 21 11.48 18.83 -22.11
CA THR C 21 11.65 18.10 -20.85
C THR C 21 11.81 19.09 -19.71
N ILE C 22 11.29 18.71 -18.55
CA ILE C 22 11.36 19.53 -17.34
C ILE C 22 11.90 18.65 -16.21
N THR C 23 12.90 19.15 -15.48
CA THR C 23 13.56 18.40 -14.44
C THR C 23 13.27 19.02 -13.08
N CYS C 24 12.82 18.21 -12.13
CA CYS C 24 12.58 18.63 -10.76
C CYS C 24 13.52 17.85 -9.84
N ARG C 25 14.37 18.56 -9.11
CA ARG C 25 15.36 17.96 -8.23
C ARG C 25 14.81 17.96 -6.81
N ALA C 26 15.56 17.39 -5.85
CA ALA C 26 15.13 17.36 -4.47
C ALA C 26 16.32 17.38 -3.51
N SER C 27 16.20 18.11 -2.40
CA SER C 27 17.29 18.19 -1.44
C SER C 27 17.56 16.83 -0.78
N GLN C 28 16.51 16.13 -0.39
CA GLN C 28 16.62 14.83 0.24
C GLN C 28 15.96 13.77 -0.65
N SER C 29 15.86 12.56 -0.14
CA SER C 29 15.38 11.42 -0.92
C SER C 29 13.87 11.30 -0.76
N VAL C 30 13.14 11.58 -1.85
CA VAL C 30 11.72 11.28 -1.95
C VAL C 30 11.56 10.12 -2.92
N SER C 31 11.00 9.01 -2.43
CA SER C 31 10.98 7.78 -3.21
C SER C 31 10.19 7.95 -4.51
N SER C 32 8.87 8.14 -4.39
CA SER C 32 8.06 8.35 -5.58
C SER C 32 6.95 9.38 -5.36
N ALA C 33 6.99 10.14 -4.26
CA ALA C 33 5.87 10.98 -3.86
C ALA C 33 6.03 12.40 -4.43
N VAL C 34 6.14 12.49 -5.75
CA VAL C 34 6.20 13.76 -6.45
C VAL C 34 5.21 13.73 -7.60
N ALA C 35 4.34 14.74 -7.64
CA ALA C 35 3.33 14.90 -8.67
C ALA C 35 3.62 16.15 -9.48
N TRP C 36 2.93 16.27 -10.62
CA TRP C 36 3.12 17.39 -11.53
C TRP C 36 1.79 18.09 -11.78
N TYR C 37 1.82 19.41 -11.85
CA TYR C 37 0.63 20.22 -12.06
C TYR C 37 0.85 21.19 -13.20
N GLN C 38 -0.25 21.52 -13.88
CA GLN C 38 -0.27 22.54 -14.92
C GLN C 38 -1.16 23.69 -14.46
N GLN C 39 -0.62 24.90 -14.47
CA GLN C 39 -1.36 26.09 -14.08
C GLN C 39 -1.42 27.05 -15.26
N LYS C 40 -2.63 27.41 -15.66
CA LYS C 40 -2.84 28.44 -16.67
C LYS C 40 -3.01 29.80 -16.00
N PRO C 41 -2.71 30.88 -16.72
CA PRO C 41 -2.79 32.21 -16.10
C PRO C 41 -4.18 32.51 -15.56
N GLY C 42 -4.23 32.79 -14.25
CA GLY C 42 -5.48 33.10 -13.58
C GLY C 42 -6.46 31.95 -13.53
N LYS C 43 -5.94 30.73 -13.34
CA LYS C 43 -6.81 29.55 -13.28
C LYS C 43 -6.22 28.56 -12.27
N ALA C 44 -7.11 27.77 -11.69
CA ALA C 44 -6.68 26.78 -10.70
C ALA C 44 -5.89 25.66 -11.39
N PRO C 45 -4.78 25.22 -10.81
CA PRO C 45 -4.00 24.14 -11.43
C PRO C 45 -4.72 22.81 -11.35
N LYS C 46 -4.37 21.93 -12.29
CA LYS C 46 -4.95 20.59 -12.35
C LYS C 46 -3.83 19.55 -12.39
N LEU C 47 -4.11 18.39 -11.79
CA LEU C 47 -3.11 17.33 -11.70
C LEU C 47 -2.85 16.73 -13.08
N LEU C 48 -1.59 16.44 -13.36
CA LEU C 48 -1.19 15.78 -14.60
C LEU C 48 -0.68 14.36 -14.36
N ILE C 49 0.33 14.20 -13.50
CA ILE C 49 0.94 12.91 -13.24
C ILE C 49 1.08 12.73 -11.74
N TYR C 50 0.68 11.57 -11.23
CA TYR C 50 0.79 11.24 -9.81
C TYR C 50 1.69 10.03 -9.63
N SER C 51 2.42 10.01 -8.52
CA SER C 51 3.43 9.00 -8.21
C SER C 51 4.58 9.03 -9.20
N ALA C 52 4.71 10.10 -9.98
CA ALA C 52 5.76 10.41 -10.93
C ALA C 52 5.72 9.53 -12.17
N SER C 53 4.85 8.53 -12.25
CA SER C 53 4.82 7.69 -13.44
C SER C 53 3.42 7.28 -13.89
N SER C 54 2.36 7.86 -13.34
CA SER C 54 1.00 7.45 -13.68
C SER C 54 0.20 8.67 -14.12
N LEU C 55 -0.48 8.54 -15.25
CA LEU C 55 -1.29 9.63 -15.76
C LEU C 55 -2.62 9.70 -15.02
N TYR C 56 -3.18 10.91 -14.98
CA TYR C 56 -4.47 11.17 -14.38
C TYR C 56 -5.53 11.29 -15.46
N SER C 57 -6.78 11.06 -15.06
CA SER C 57 -7.86 10.99 -16.04
C SER C 57 -8.02 12.33 -16.76
N GLY C 58 -8.38 12.26 -18.03
CA GLY C 58 -8.57 13.47 -18.81
C GLY C 58 -7.28 14.13 -19.24
N VAL C 59 -6.16 13.46 -19.05
CA VAL C 59 -4.85 13.96 -19.47
C VAL C 59 -4.41 13.13 -20.67
N PRO C 60 -4.11 13.75 -21.81
CA PRO C 60 -3.74 12.97 -22.98
C PRO C 60 -2.41 12.26 -22.79
N SER C 61 -2.23 11.17 -23.54
CA SER C 61 -1.10 10.26 -23.33
C SER C 61 0.23 10.89 -23.73
N ARG C 62 0.20 12.13 -24.24
CA ARG C 62 1.45 12.81 -24.59
C ARG C 62 2.30 13.06 -23.36
N PHE C 63 1.69 13.46 -22.25
CA PHE C 63 2.43 13.71 -21.02
C PHE C 63 2.95 12.41 -20.43
N SER C 64 4.18 12.45 -19.94
CA SER C 64 4.80 11.27 -19.35
C SER C 64 5.92 11.70 -18.42
N GLY C 65 6.09 10.95 -17.33
CA GLY C 65 7.13 11.22 -16.37
C GLY C 65 7.90 9.96 -16.04
N SER C 66 9.09 10.15 -15.47
CA SER C 66 9.97 9.05 -15.16
C SER C 66 10.85 9.43 -13.97
N ARG C 67 11.43 8.42 -13.33
CA ARG C 67 12.26 8.60 -12.16
C ARG C 67 13.66 8.07 -12.42
N SER C 68 14.67 8.85 -12.05
CA SER C 68 16.07 8.45 -12.13
C SER C 68 16.75 8.87 -10.84
N GLY C 69 16.75 7.97 -9.85
CA GLY C 69 17.33 8.26 -8.56
C GLY C 69 16.54 9.28 -7.77
N THR C 70 17.10 10.47 -7.60
CA THR C 70 16.41 11.57 -6.93
C THR C 70 16.18 12.76 -7.87
N ASP C 71 16.49 12.59 -9.15
CA ASP C 71 16.29 13.63 -10.16
C ASP C 71 15.06 13.25 -10.98
N PHE C 72 13.98 14.00 -10.79
CA PHE C 72 12.72 13.66 -11.42
C PHE C 72 12.50 14.52 -12.65
N THR C 73 12.11 13.89 -13.76
CA THR C 73 11.96 14.58 -15.03
C THR C 73 10.59 14.33 -15.62
N LEU C 74 10.05 15.34 -16.29
CA LEU C 74 8.83 15.23 -17.07
C LEU C 74 9.11 15.60 -18.51
N THR C 75 8.44 14.89 -19.43
CA THR C 75 8.58 15.17 -20.84
C THR C 75 7.21 15.06 -21.50
N ILE C 76 7.06 15.74 -22.64
CA ILE C 76 5.83 15.75 -23.40
C ILE C 76 6.12 15.20 -24.79
N SER C 77 5.17 14.43 -25.34
CA SER C 77 5.38 13.85 -26.66
C SER C 77 5.51 14.94 -27.73
N SER C 78 4.62 15.94 -27.69
CA SER C 78 4.65 17.05 -28.63
C SER C 78 3.89 18.21 -28.02
N LEU C 79 4.16 19.41 -28.53
CA LEU C 79 3.54 20.63 -28.03
C LEU C 79 2.39 21.03 -28.95
N GLN C 80 1.19 21.12 -28.38
CA GLN C 80 0.00 21.67 -28.99
C GLN C 80 -0.26 23.06 -28.42
N PRO C 81 -1.06 23.89 -29.11
CA PRO C 81 -1.23 25.28 -28.66
C PRO C 81 -1.80 25.42 -27.25
N GLU C 82 -2.53 24.44 -26.75
CA GLU C 82 -3.07 24.56 -25.40
C GLU C 82 -2.12 24.10 -24.31
N ASP C 83 -0.91 23.65 -24.68
CA ASP C 83 0.05 23.14 -23.71
C ASP C 83 0.98 24.22 -23.16
N PHE C 84 0.85 25.47 -23.60
CA PHE C 84 1.71 26.55 -23.12
C PHE C 84 1.14 27.08 -21.80
N ALA C 85 1.65 26.54 -20.70
CA ALA C 85 1.25 26.95 -19.37
C ALA C 85 2.36 26.59 -18.39
N THR C 86 2.30 27.18 -17.21
CA THR C 86 3.30 26.93 -16.18
C THR C 86 3.13 25.54 -15.59
N TYR C 87 4.24 24.98 -15.10
CA TYR C 87 4.27 23.64 -14.53
C TYR C 87 4.95 23.67 -13.17
N TYR C 88 4.48 22.83 -12.26
CA TYR C 88 4.99 22.76 -10.90
C TYR C 88 5.17 21.31 -10.47
N CYS C 89 6.10 21.08 -9.55
CA CYS C 89 6.35 19.77 -8.98
C CYS C 89 6.24 19.85 -7.46
N GLN C 90 5.48 18.92 -6.89
CA GLN C 90 5.21 18.88 -5.45
C GLN C 90 5.68 17.55 -4.89
N GLN C 91 6.46 17.60 -3.81
CA GLN C 91 6.87 16.40 -3.11
C GLN C 91 5.96 16.15 -1.92
N SER C 92 5.48 14.92 -1.78
CA SER C 92 4.53 14.57 -0.74
C SER C 92 5.06 13.51 0.21
N TYR C 93 6.32 13.10 0.06
CA TYR C 93 6.89 12.09 0.96
C TYR C 93 6.96 12.62 2.39
N TYR C 94 7.57 13.78 2.57
CA TYR C 94 7.61 14.40 3.87
C TYR C 94 6.27 15.00 4.21
N SER C 95 5.90 14.93 5.49
CA SER C 95 4.59 15.40 5.90
C SER C 95 4.40 16.89 5.63
N LEU C 96 5.49 17.64 5.55
CA LEU C 96 5.44 19.06 5.20
C LEU C 96 5.77 19.15 3.72
N VAL C 97 4.73 19.13 2.88
CA VAL C 97 4.92 19.10 1.45
C VAL C 97 5.47 20.44 0.97
N THR C 98 6.10 20.42 -0.20
CA THR C 98 6.75 21.61 -0.75
C THR C 98 6.58 21.63 -2.25
N PHE C 99 6.32 22.82 -2.80
CA PHE C 99 6.21 23.02 -4.24
C PHE C 99 7.52 23.58 -4.78
N GLY C 100 7.81 23.27 -6.04
CA GLY C 100 9.01 23.78 -6.67
C GLY C 100 8.86 25.24 -7.05
N GLN C 101 9.96 25.78 -7.62
CA GLN C 101 9.95 27.17 -8.05
C GLN C 101 8.92 27.41 -9.15
N GLY C 102 8.79 26.47 -10.10
CA GLY C 102 7.78 26.60 -11.12
C GLY C 102 8.33 27.03 -12.47
N THR C 103 8.36 26.11 -13.43
CA THR C 103 8.81 26.42 -14.76
C THR C 103 7.66 27.02 -15.58
N LYS C 104 8.03 27.68 -16.67
CA LYS C 104 7.06 28.32 -17.56
C LYS C 104 7.39 27.95 -19.00
N VAL C 105 6.35 27.62 -19.76
CA VAL C 105 6.51 27.28 -21.17
C VAL C 105 6.07 28.44 -22.05
#